data_2JXQ
#
_entry.id   2JXQ
#
loop_
_entity.id
_entity.type
_entity.pdbx_description
1 polymer "RNA (5'-R(*GP*CP*AP*GP*AP*GP*AP*GP*CP*G)-3')"
2 polymer "RNA (5'-R(*CP*GP*CP*UP*CP*UP*CP*UP*GP*C)-3')"
#
loop_
_entity_poly.entity_id
_entity_poly.type
_entity_poly.pdbx_seq_one_letter_code
_entity_poly.pdbx_strand_id
1 'polyribonucleotide' GCAGAGAGCG A
2 'polyribonucleotide' CGCUCUCUGC B
#